data_4HSV
#
_entry.id   4HSV
#
_cell.length_a   75.672
_cell.length_b   55.180
_cell.length_c   68.134
_cell.angle_alpha   90.00
_cell.angle_beta   90.00
_cell.angle_gamma   90.00
#
_symmetry.space_group_name_H-M   'P 21 21 2'
#
loop_
_entity.id
_entity.type
_entity.pdbx_description
1 polymer 'Platelet factor 4 variant'
2 water water
#
_entity_poly.entity_id   1
_entity_poly.type   'polypeptide(L)'
_entity_poly.pdbx_seq_one_letter_code
;MEAEEDGDLQCLCVKTTSQVRPRHITSLEVIKAGPHCPTAQLIATLKNGRKICLDLQALLYKKIIKEHLES
;
_entity_poly.pdbx_strand_id   A,B,C,D
#
# COMPACT_ATOMS: atom_id res chain seq x y z
N GLY A 7 -10.42 2.31 17.44
CA GLY A 7 -9.03 2.52 17.05
C GLY A 7 -8.85 3.80 16.28
N ASP A 8 -7.61 4.07 15.86
CA ASP A 8 -7.26 5.27 15.11
C ASP A 8 -7.84 5.29 13.70
N LEU A 9 -8.07 4.11 13.14
CA LEU A 9 -8.46 3.97 11.72
C LEU A 9 -9.88 3.45 11.56
N GLN A 10 -10.49 3.73 10.42
CA GLN A 10 -11.81 3.18 10.12
C GLN A 10 -11.78 2.45 8.78
N CYS A 11 -12.94 1.99 8.34
CA CYS A 11 -13.06 1.32 7.04
C CYS A 11 -12.81 2.34 5.93
N LEU A 12 -11.89 2.04 5.03
CA LEU A 12 -11.62 2.90 3.87
C LEU A 12 -12.83 2.99 2.92
N CYS A 13 -13.52 1.86 2.75
CA CYS A 13 -14.59 1.78 1.76
C CYS A 13 -15.92 2.22 2.32
N VAL A 14 -16.54 3.21 1.66
CA VAL A 14 -17.90 3.64 1.96
C VAL A 14 -18.92 3.00 1.00
N LYS A 15 -18.57 2.96 -0.27
CA LYS A 15 -19.43 2.32 -1.27
C LYS A 15 -18.75 1.10 -1.84
N THR A 16 -19.51 0.04 -2.12
CA THR A 16 -18.96 -1.11 -2.80
C THR A 16 -19.62 -1.24 -4.16
N THR A 17 -18.83 -1.61 -5.17
CA THR A 17 -19.34 -1.66 -6.53
C THR A 17 -19.40 -3.12 -6.96
N SER A 18 -20.40 -3.46 -7.76
CA SER A 18 -20.50 -4.86 -8.16
C SER A 18 -20.38 -4.99 -9.67
N GLN A 19 -20.08 -3.87 -10.33
CA GLN A 19 -19.86 -3.93 -11.77
C GLN A 19 -18.53 -3.37 -12.17
N VAL A 20 -17.57 -4.25 -12.42
CA VAL A 20 -16.29 -3.78 -12.93
C VAL A 20 -15.73 -4.80 -13.90
N ARG A 21 -15.22 -4.30 -15.02
CA ARG A 21 -14.54 -5.16 -15.98
C ARG A 21 -13.06 -5.16 -15.66
N PRO A 22 -12.52 -6.36 -15.41
CA PRO A 22 -11.12 -6.60 -15.02
C PRO A 22 -10.14 -5.88 -15.95
N ARG A 23 -10.57 -5.49 -17.13
CA ARG A 23 -9.70 -4.77 -18.05
C ARG A 23 -9.55 -3.31 -17.62
N HIS A 24 -10.42 -2.84 -16.72
CA HIS A 24 -10.31 -1.49 -16.19
C HIS A 24 -9.39 -1.46 -14.98
N ILE A 25 -9.18 -2.62 -14.38
CA ILE A 25 -8.47 -2.69 -13.10
C ILE A 25 -6.97 -2.86 -13.29
N THR A 26 -6.19 -1.94 -12.72
CA THR A 26 -4.74 -2.11 -12.81
C THR A 26 -4.18 -2.65 -11.50
N SER A 27 -4.85 -2.40 -10.38
CA SER A 27 -4.41 -3.12 -9.20
C SER A 27 -5.51 -3.46 -8.24
N LEU A 28 -5.31 -4.55 -7.51
CA LEU A 28 -6.30 -4.96 -6.51
C LEU A 28 -5.68 -5.15 -5.14
N GLU A 29 -6.17 -4.43 -4.13
CA GLU A 29 -5.61 -4.55 -2.80
C GLU A 29 -6.65 -5.17 -1.88
N VAL A 30 -6.33 -6.31 -1.30
CA VAL A 30 -7.22 -6.95 -0.36
C VAL A 30 -6.70 -6.56 0.99
N ILE A 31 -7.51 -5.82 1.74
CA ILE A 31 -7.16 -5.45 3.09
C ILE A 31 -7.97 -6.28 4.07
N LYS A 32 -7.30 -7.10 4.86
CA LYS A 32 -7.98 -8.03 5.74
C LYS A 32 -8.70 -7.30 6.85
N ALA A 33 -9.75 -7.91 7.39
CA ALA A 33 -10.51 -7.31 8.49
C ALA A 33 -9.59 -7.17 9.69
N GLY A 34 -9.82 -6.14 10.49
CA GLY A 34 -8.96 -5.90 11.64
C GLY A 34 -9.51 -4.84 12.56
N PRO A 35 -8.65 -4.30 13.44
CA PRO A 35 -9.06 -3.25 14.38
C PRO A 35 -9.65 -2.07 13.63
N HIS A 36 -9.17 -1.85 12.42
CA HIS A 36 -9.56 -0.71 11.62
C HIS A 36 -10.93 -0.88 10.94
N CYS A 37 -11.30 -2.13 10.64
CA CYS A 37 -12.52 -2.43 9.88
C CYS A 37 -12.94 -3.87 10.11
N PRO A 38 -14.20 -4.09 10.52
CA PRO A 38 -14.58 -5.47 10.85
C PRO A 38 -14.71 -6.35 9.61
N THR A 39 -14.78 -5.76 8.42
CA THR A 39 -14.89 -6.57 7.20
C THR A 39 -13.67 -6.39 6.30
N ALA A 40 -13.34 -7.42 5.52
CA ALA A 40 -12.27 -7.32 4.55
C ALA A 40 -12.70 -6.33 3.47
N GLN A 41 -11.75 -5.61 2.90
CA GLN A 41 -12.05 -4.63 1.85
C GLN A 41 -11.23 -4.95 0.59
N LEU A 42 -11.82 -4.79 -0.58
CA LEU A 42 -11.12 -5.01 -1.83
C LEU A 42 -11.08 -3.70 -2.61
N ILE A 43 -9.93 -3.08 -2.68
CA ILE A 43 -9.80 -1.79 -3.33
C ILE A 43 -9.21 -1.97 -4.71
N ALA A 44 -10.00 -1.64 -5.74
CA ALA A 44 -9.54 -1.67 -7.12
C ALA A 44 -9.10 -0.29 -7.55
N THR A 45 -7.89 -0.21 -8.06
CA THR A 45 -7.40 0.99 -8.73
C THR A 45 -7.56 0.69 -10.24
N LEU A 46 -8.23 1.62 -10.94
CA LEU A 46 -8.53 1.54 -12.38
C LEU A 46 -7.52 2.35 -13.21
N LYS A 47 -7.44 2.15 -14.53
CA LYS A 47 -6.45 2.89 -15.33
C LYS A 47 -6.63 4.39 -15.27
N ASN A 48 -7.89 4.87 -15.22
CA ASN A 48 -8.08 6.31 -15.17
C ASN A 48 -7.65 6.89 -13.83
N GLY A 49 -7.31 6.02 -12.88
CA GLY A 49 -6.79 6.46 -11.60
C GLY A 49 -7.86 6.47 -10.52
N ARG A 50 -9.11 6.25 -10.91
CA ARG A 50 -10.19 6.22 -9.95
C ARG A 50 -10.01 5.03 -9.02
N LYS A 51 -10.27 5.20 -7.72
CA LYS A 51 -10.25 4.03 -6.83
C LYS A 51 -11.67 3.70 -6.40
N ILE A 52 -12.05 2.43 -6.54
CA ILE A 52 -13.35 1.94 -6.09
C ILE A 52 -13.18 0.73 -5.21
N CYS A 53 -14.20 0.37 -4.46
CA CYS A 53 -14.18 -0.85 -3.68
C CYS A 53 -15.09 -1.86 -4.31
N LEU A 54 -14.63 -3.10 -4.38
CA LEU A 54 -15.43 -4.15 -5.03
C LEU A 54 -16.21 -4.85 -3.94
N ASP A 55 -17.39 -5.34 -4.31
CA ASP A 55 -18.27 -6.04 -3.38
C ASP A 55 -17.75 -7.44 -3.23
N LEU A 56 -17.25 -7.73 -2.03
CA LEU A 56 -16.61 -9.00 -1.76
C LEU A 56 -17.54 -10.19 -1.84
N GLN A 57 -18.72 -10.10 -1.23
CA GLN A 57 -19.66 -11.22 -1.28
C GLN A 57 -20.12 -11.49 -2.71
N ALA A 58 -20.39 -10.42 -3.46
CA ALA A 58 -20.82 -10.54 -4.84
C ALA A 58 -19.74 -11.16 -5.73
N LEU A 59 -18.48 -10.78 -5.48
CA LEU A 59 -17.39 -11.37 -6.24
C LEU A 59 -17.09 -12.80 -5.82
N LEU A 60 -17.26 -13.11 -4.53
CA LEU A 60 -17.07 -14.49 -4.07
C LEU A 60 -18.13 -15.37 -4.72
N TYR A 61 -19.33 -14.82 -4.84
CA TYR A 61 -20.43 -15.48 -5.53
C TYR A 61 -20.10 -15.77 -6.99
N LYS A 62 -19.73 -14.71 -7.71
CA LYS A 62 -19.35 -14.84 -9.11
C LYS A 62 -18.16 -15.77 -9.35
N LYS A 63 -17.11 -15.59 -8.57
CA LYS A 63 -15.83 -16.28 -8.76
C LYS A 63 -15.75 -17.66 -8.15
N ILE A 64 -16.61 -17.95 -7.18
CA ILE A 64 -16.60 -19.26 -6.56
C ILE A 64 -17.94 -20.03 -6.56
N ILE A 65 -19.01 -19.37 -6.13
CA ILE A 65 -20.27 -20.11 -6.02
C ILE A 65 -20.86 -20.36 -7.40
N LYS A 66 -21.06 -19.30 -8.17
CA LYS A 66 -21.64 -19.43 -9.49
C LYS A 66 -20.76 -20.21 -10.46
N GLU A 67 -19.45 -20.15 -10.30
CA GLU A 67 -18.58 -20.79 -11.30
C GLU A 67 -18.01 -22.15 -10.89
N HIS A 68 -18.20 -22.58 -9.65
CA HIS A 68 -17.61 -23.85 -9.27
C HIS A 68 -18.58 -24.74 -8.49
N LEU A 69 -19.70 -24.15 -8.05
CA LEU A 69 -20.68 -24.87 -7.25
C LEU A 69 -22.07 -24.86 -7.90
N GLU A 70 -22.16 -24.18 -9.05
CA GLU A 70 -23.41 -24.06 -9.78
C GLU A 70 -23.24 -24.55 -11.21
N SER A 71 -24.17 -25.38 -11.64
CA SER A 71 -24.23 -25.86 -13.02
C SER A 71 -25.46 -25.28 -13.70
N CYS B 11 9.90 -2.71 -12.39
CA CYS B 11 9.21 -3.73 -11.61
C CYS B 11 9.60 -3.72 -10.15
N LEU B 12 8.59 -3.64 -9.29
CA LEU B 12 8.86 -3.60 -7.87
C LEU B 12 9.45 -4.91 -7.35
N CYS B 13 8.87 -6.03 -7.75
CA CYS B 13 9.28 -7.32 -7.21
C CYS B 13 10.31 -8.01 -8.09
N VAL B 14 11.49 -8.27 -7.55
CA VAL B 14 12.48 -9.04 -8.28
C VAL B 14 12.58 -10.48 -7.83
N LYS B 15 12.63 -10.67 -6.51
CA LYS B 15 12.68 -12.00 -5.96
C LYS B 15 11.39 -12.24 -5.19
N THR B 16 10.86 -13.45 -5.30
CA THR B 16 9.63 -13.79 -4.60
C THR B 16 9.85 -14.91 -3.57
N THR B 17 9.14 -14.81 -2.45
CA THR B 17 9.23 -15.85 -1.41
C THR B 17 7.90 -16.56 -1.20
N SER B 18 7.99 -17.80 -0.76
CA SER B 18 6.80 -18.58 -0.44
C SER B 18 6.87 -18.92 1.03
N GLN B 19 7.76 -18.24 1.74
CA GLN B 19 7.99 -18.49 3.14
C GLN B 19 7.25 -17.36 3.82
N VAL B 20 5.95 -17.54 3.97
CA VAL B 20 5.08 -16.55 4.58
C VAL B 20 3.93 -17.21 5.30
N ARG B 21 3.64 -16.72 6.48
CA ARG B 21 2.45 -17.12 7.21
C ARG B 21 1.28 -16.16 6.96
N PRO B 22 0.15 -16.69 6.49
CA PRO B 22 -1.04 -15.86 6.31
C PRO B 22 -1.43 -15.07 7.56
N ARG B 23 -0.99 -15.50 8.75
CA ARG B 23 -1.26 -14.75 9.97
C ARG B 23 -0.27 -13.57 10.10
N HIS B 24 0.75 -13.56 9.26
CA HIS B 24 1.71 -12.46 9.25
C HIS B 24 1.34 -11.36 8.26
N ILE B 25 0.42 -11.68 7.35
CA ILE B 25 -0.01 -10.75 6.30
C ILE B 25 -1.23 -9.93 6.69
N THR B 26 -1.11 -8.60 6.63
CA THR B 26 -2.29 -7.75 6.89
C THR B 26 -2.94 -7.28 5.60
N SER B 27 -2.16 -7.19 4.54
CA SER B 27 -2.84 -6.87 3.29
C SER B 27 -2.12 -7.46 2.10
N LEU B 28 -2.83 -7.69 1.00
CA LEU B 28 -2.22 -8.22 -0.20
C LEU B 28 -2.62 -7.38 -1.40
N GLU B 29 -1.63 -6.88 -2.13
CA GLU B 29 -1.92 -6.09 -3.33
C GLU B 29 -1.43 -6.83 -4.58
N VAL B 30 -2.33 -7.00 -5.54
CA VAL B 30 -1.96 -7.55 -6.83
C VAL B 30 -1.86 -6.41 -7.82
N ILE B 31 -0.67 -6.21 -8.32
CA ILE B 31 -0.46 -5.23 -9.37
C ILE B 31 -0.34 -5.98 -10.68
N LYS B 32 -1.27 -5.72 -11.58
CA LYS B 32 -1.27 -6.48 -12.83
C LYS B 32 -0.07 -6.14 -13.67
N ALA B 33 0.32 -7.10 -14.50
CA ALA B 33 1.47 -6.94 -15.39
C ALA B 33 1.22 -5.74 -16.31
N GLY B 34 2.29 -5.10 -16.74
CA GLY B 34 2.18 -3.94 -17.60
C GLY B 34 3.47 -3.75 -18.39
N PRO B 35 3.64 -2.59 -19.02
CA PRO B 35 4.83 -2.33 -19.83
C PRO B 35 6.13 -2.35 -19.03
N HIS B 36 6.06 -1.84 -17.81
CA HIS B 36 7.24 -1.71 -16.97
C HIS B 36 7.55 -3.04 -16.30
N CYS B 37 6.53 -3.89 -16.17
CA CYS B 37 6.70 -5.17 -15.52
C CYS B 37 5.74 -6.21 -16.10
N PRO B 38 6.31 -7.31 -16.63
CA PRO B 38 5.70 -8.43 -17.37
C PRO B 38 4.90 -9.46 -16.57
N THR B 39 5.11 -9.53 -15.27
CA THR B 39 4.39 -10.48 -14.43
C THR B 39 3.59 -9.71 -13.36
N ALA B 40 2.51 -10.29 -12.87
CA ALA B 40 1.79 -9.65 -11.78
C ALA B 40 2.69 -9.67 -10.56
N GLN B 41 2.54 -8.66 -9.72
CA GLN B 41 3.31 -8.64 -8.50
C GLN B 41 2.31 -8.81 -7.37
N LEU B 42 2.64 -9.69 -6.43
CA LEU B 42 1.84 -9.94 -5.25
C LEU B 42 2.60 -9.39 -4.09
N ILE B 43 2.21 -8.23 -3.63
CA ILE B 43 2.92 -7.59 -2.55
C ILE B 43 2.14 -7.79 -1.28
N ALA B 44 2.71 -8.53 -0.36
CA ALA B 44 2.07 -8.75 0.92
C ALA B 44 2.67 -7.74 1.89
N THR B 45 1.80 -7.08 2.62
CA THR B 45 2.22 -6.23 3.71
C THR B 45 2.02 -7.04 4.98
N LEU B 46 3.10 -7.09 5.74
CA LEU B 46 3.17 -7.86 6.98
C LEU B 46 2.80 -6.96 8.16
N LYS B 47 2.51 -7.58 9.31
CA LYS B 47 2.09 -6.85 10.50
C LYS B 47 3.05 -5.73 10.86
N ASN B 48 4.35 -6.01 10.74
CA ASN B 48 5.38 -5.05 11.07
C ASN B 48 5.49 -3.90 10.06
N GLY B 49 4.86 -4.07 8.92
CA GLY B 49 4.85 -3.03 7.90
C GLY B 49 5.80 -3.31 6.76
N ARG B 50 6.61 -4.36 6.92
CA ARG B 50 7.50 -4.80 5.86
C ARG B 50 6.63 -5.29 4.72
N LYS B 51 7.03 -4.97 3.49
CA LYS B 51 6.34 -5.51 2.35
C LYS B 51 7.24 -6.50 1.65
N ILE B 52 6.70 -7.66 1.32
CA ILE B 52 7.46 -8.68 0.58
C ILE B 52 6.66 -9.08 -0.66
N CYS B 53 7.33 -9.67 -1.63
CA CYS B 53 6.67 -10.10 -2.85
C CYS B 53 6.45 -11.60 -2.82
N LEU B 54 5.24 -12.03 -3.15
CA LEU B 54 4.93 -13.44 -3.04
C LEU B 54 5.06 -14.19 -4.35
N ASP B 55 5.49 -15.45 -4.23
CA ASP B 55 5.49 -16.40 -5.32
C ASP B 55 4.21 -17.22 -5.20
N LEU B 56 3.19 -16.86 -5.98
CA LEU B 56 1.89 -17.47 -5.85
C LEU B 56 1.91 -18.94 -6.24
N GLN B 57 2.58 -19.26 -7.34
CA GLN B 57 2.65 -20.66 -7.73
C GLN B 57 3.26 -21.52 -6.64
N ALA B 58 4.37 -21.07 -6.07
CA ALA B 58 5.03 -21.84 -5.02
C ALA B 58 4.15 -22.01 -3.80
N LEU B 59 3.36 -20.97 -3.48
CA LEU B 59 2.43 -21.05 -2.35
C LEU B 59 1.30 -22.03 -2.60
N LEU B 60 0.78 -22.01 -3.82
CA LEU B 60 -0.29 -22.94 -4.19
C LEU B 60 0.27 -24.38 -4.20
N TYR B 61 1.49 -24.54 -4.69
CA TYR B 61 2.12 -25.86 -4.71
C TYR B 61 2.25 -26.38 -3.27
N LYS B 62 2.81 -25.56 -2.38
CA LYS B 62 2.91 -25.95 -0.97
C LYS B 62 1.56 -26.30 -0.37
N LYS B 63 0.53 -25.52 -0.74
CA LYS B 63 -0.82 -25.73 -0.19
C LYS B 63 -1.46 -27.00 -0.76
N ILE B 64 -0.94 -27.48 -1.88
CA ILE B 64 -1.37 -28.73 -2.51
C ILE B 64 -0.65 -29.92 -1.91
N ILE B 65 0.68 -29.78 -1.71
CA ILE B 65 1.54 -30.81 -1.12
C ILE B 65 1.15 -31.12 0.31
N LYS B 66 0.93 -30.05 1.07
CA LYS B 66 0.60 -30.11 2.49
C LYS B 66 -0.61 -31.00 2.71
N GLU B 67 -1.45 -31.04 1.68
CA GLU B 67 -2.72 -31.76 1.69
C GLU B 67 -2.73 -33.00 0.79
N HIS B 68 -1.60 -33.28 0.13
CA HIS B 68 -1.49 -34.42 -0.79
C HIS B 68 -2.58 -34.47 -1.85
N LEU B 69 -2.62 -33.45 -2.71
CA LEU B 69 -3.60 -33.38 -3.77
C LEU B 69 -2.93 -33.25 -5.15
N GLN C 10 13.89 -10.13 -0.73
CA GLN C 10 13.84 -9.54 0.59
C GLN C 10 13.63 -8.02 0.52
N CYS C 11 14.54 -7.30 -0.15
CA CYS C 11 14.32 -5.88 -0.41
C CYS C 11 13.28 -5.67 -1.49
N LEU C 12 12.25 -4.88 -1.18
CA LEU C 12 11.21 -4.60 -2.13
C LEU C 12 11.73 -3.80 -3.32
N CYS C 13 12.54 -2.78 -3.08
CA CYS C 13 13.01 -1.89 -4.14
C CYS C 13 14.27 -2.43 -4.77
N VAL C 14 14.29 -2.51 -6.10
CA VAL C 14 15.48 -2.97 -6.82
C VAL C 14 16.33 -1.84 -7.39
N LYS C 15 15.68 -0.99 -8.18
CA LYS C 15 16.30 0.18 -8.77
C LYS C 15 15.49 1.38 -8.36
N THR C 16 16.14 2.52 -8.13
CA THR C 16 15.41 3.71 -7.75
C THR C 16 15.45 4.71 -8.89
N THR C 17 14.33 5.40 -9.10
CA THR C 17 14.20 6.40 -10.15
C THR C 17 13.85 7.78 -9.61
N SER C 18 14.16 8.81 -10.38
CA SER C 18 13.78 10.18 -10.07
C SER C 18 12.96 10.76 -11.21
N GLN C 19 12.48 9.88 -12.09
CA GLN C 19 11.68 10.33 -13.22
C GLN C 19 10.22 10.12 -12.87
N VAL C 20 9.67 11.07 -12.11
CA VAL C 20 8.28 11.00 -11.68
C VAL C 20 7.74 12.41 -11.42
N ARG C 21 6.52 12.69 -11.85
CA ARG C 21 5.87 13.95 -11.54
C ARG C 21 5.09 13.75 -10.24
N PRO C 22 5.28 14.65 -9.27
CA PRO C 22 4.65 14.54 -7.96
C PRO C 22 3.14 14.30 -8.03
N ARG C 23 2.47 14.83 -9.05
CA ARG C 23 1.04 14.56 -9.14
C ARG C 23 0.66 13.31 -9.92
N HIS C 24 1.67 12.49 -10.22
CA HIS C 24 1.41 11.15 -10.71
C HIS C 24 1.30 10.24 -9.48
N ILE C 25 1.80 10.75 -8.35
CA ILE C 25 1.89 10.02 -7.10
C ILE C 25 0.64 10.20 -6.21
N THR C 26 0.02 9.10 -5.80
CA THR C 26 -1.10 9.17 -4.89
C THR C 26 -0.64 8.85 -3.47
N SER C 27 0.42 8.06 -3.36
CA SER C 27 0.91 7.82 -2.01
C SER C 27 2.40 7.55 -1.94
N LEU C 28 3.01 7.88 -0.79
CA LEU C 28 4.43 7.68 -0.61
C LEU C 28 4.68 6.99 0.72
N GLU C 29 5.36 5.85 0.65
CA GLU C 29 5.66 5.09 1.86
C GLU C 29 7.16 4.96 2.12
N VAL C 30 7.58 5.28 3.34
CA VAL C 30 8.95 5.05 3.76
C VAL C 30 8.98 3.78 4.59
N ILE C 31 9.76 2.81 4.16
CA ILE C 31 9.95 1.59 4.93
C ILE C 31 11.34 1.63 5.53
N LYS C 32 11.46 1.62 6.85
CA LYS C 32 12.77 1.78 7.47
C LYS C 32 13.63 0.56 7.19
N ALA C 33 14.94 0.73 7.26
CA ALA C 33 15.89 -0.36 7.07
C ALA C 33 15.66 -1.45 8.10
N GLY C 34 16.02 -2.70 7.76
CA GLY C 34 15.88 -3.80 8.71
C GLY C 34 16.74 -4.98 8.32
N PRO C 35 16.60 -6.11 9.04
CA PRO C 35 17.39 -7.32 8.79
C PRO C 35 17.20 -7.90 7.39
N HIS C 36 16.00 -7.74 6.86
CA HIS C 36 15.65 -8.29 5.55
C HIS C 36 16.05 -7.34 4.43
N CYS C 37 16.20 -6.07 4.77
CA CYS C 37 16.61 -5.06 3.81
C CYS C 37 17.36 -3.99 4.56
N PRO C 38 18.67 -3.88 4.30
CA PRO C 38 19.59 -3.01 5.04
C PRO C 38 19.43 -1.53 4.69
N THR C 39 18.67 -1.21 3.63
CA THR C 39 18.44 0.19 3.26
C THR C 39 16.98 0.58 3.42
N ALA C 40 16.74 1.85 3.73
CA ALA C 40 15.39 2.37 3.80
C ALA C 40 14.84 2.44 2.38
N GLN C 41 13.53 2.24 2.22
CA GLN C 41 12.92 2.30 0.89
C GLN C 41 11.83 3.35 0.77
N LEU C 42 11.84 4.05 -0.34
CA LEU C 42 10.81 5.04 -0.64
C LEU C 42 9.96 4.60 -1.80
N ILE C 43 8.76 4.11 -1.49
CA ILE C 43 7.87 3.57 -2.51
C ILE C 43 6.74 4.50 -2.85
N ALA C 44 6.68 4.92 -4.10
CA ALA C 44 5.57 5.75 -4.57
C ALA C 44 4.54 4.90 -5.27
N THR C 45 3.28 5.10 -4.93
CA THR C 45 2.16 4.55 -5.66
C THR C 45 1.62 5.62 -6.60
N LEU C 46 1.53 5.22 -7.87
CA LEU C 46 1.11 6.10 -8.97
C LEU C 46 -0.37 5.99 -9.19
N LYS C 47 -0.93 6.93 -9.96
CA LYS C 47 -2.36 7.02 -10.19
C LYS C 47 -2.94 5.73 -10.74
N ASN C 48 -2.18 5.09 -11.62
CA ASN C 48 -2.58 3.84 -12.25
C ASN C 48 -2.48 2.63 -11.33
N GLY C 49 -1.83 2.78 -10.18
CA GLY C 49 -1.74 1.70 -9.20
C GLY C 49 -0.38 1.03 -9.17
N ARG C 50 0.45 1.36 -10.14
CA ARG C 50 1.83 0.89 -10.21
C ARG C 50 2.66 1.49 -9.07
N LYS C 51 3.58 0.69 -8.54
CA LYS C 51 4.49 1.18 -7.51
C LYS C 51 5.93 1.28 -8.04
N ILE C 52 6.60 2.38 -7.73
CA ILE C 52 8.00 2.57 -8.11
C ILE C 52 8.81 2.97 -6.88
N CYS C 53 10.11 2.77 -6.93
CA CYS C 53 10.92 3.24 -5.81
C CYS C 53 11.65 4.51 -6.20
N LEU C 54 11.62 5.49 -5.30
CA LEU C 54 12.17 6.79 -5.58
C LEU C 54 13.58 6.99 -5.02
N ASP C 55 14.37 7.74 -5.77
CA ASP C 55 15.67 8.19 -5.33
C ASP C 55 15.45 9.60 -4.80
N LEU C 56 15.37 9.73 -3.48
CA LEU C 56 15.06 11.01 -2.89
C LEU C 56 16.13 12.03 -3.20
N GLN C 57 17.38 11.61 -3.12
CA GLN C 57 18.46 12.53 -3.36
C GLN C 57 18.35 13.15 -4.74
N ALA C 58 18.15 12.31 -5.75
CA ALA C 58 18.09 12.78 -7.12
C ALA C 58 16.89 13.70 -7.29
N LEU C 59 15.79 13.42 -6.59
CA LEU C 59 14.60 14.24 -6.72
C LEU C 59 14.83 15.63 -6.16
N LEU C 60 15.49 15.70 -5.00
CA LEU C 60 15.79 17.01 -4.41
C LEU C 60 16.75 17.77 -5.28
N TYR C 61 17.74 17.05 -5.82
CA TYR C 61 18.69 17.68 -6.73
C TYR C 61 17.94 18.29 -7.92
N LYS C 62 17.08 17.51 -8.55
CA LYS C 62 16.29 18.03 -9.67
C LYS C 62 15.49 19.27 -9.26
N LYS C 63 14.88 19.23 -8.08
CA LYS C 63 14.01 20.30 -7.61
C LYS C 63 14.78 21.56 -7.19
N ILE C 64 16.08 21.45 -6.99
CA ILE C 64 16.90 22.64 -6.72
C ILE C 64 17.55 23.15 -8.02
N ILE C 65 17.84 22.25 -8.96
CA ILE C 65 18.34 22.66 -10.27
C ILE C 65 17.28 23.55 -10.92
N LYS C 66 16.03 23.09 -10.85
CA LYS C 66 14.93 23.84 -11.45
C LYS C 66 14.88 25.29 -10.95
N GLU C 67 15.32 25.51 -9.71
CA GLU C 67 15.21 26.83 -9.11
C GLU C 67 16.56 27.55 -8.93
N HIS C 68 17.66 26.85 -9.19
CA HIS C 68 19.02 27.38 -9.11
C HIS C 68 19.32 28.21 -7.85
N GLY D 7 -18.22 10.24 -2.01
CA GLY D 7 -17.40 9.37 -2.86
C GLY D 7 -17.35 7.93 -2.38
N ASP D 8 -16.65 7.08 -3.13
CA ASP D 8 -16.59 5.65 -2.83
C ASP D 8 -15.75 5.32 -1.59
N LEU D 9 -14.74 6.13 -1.32
CA LEU D 9 -13.80 5.89 -0.22
C LEU D 9 -13.87 7.04 0.76
N GLN D 10 -13.42 6.83 1.99
CA GLN D 10 -13.32 7.93 2.94
C GLN D 10 -11.94 8.02 3.55
N CYS D 11 -11.80 8.90 4.54
CA CYS D 11 -10.55 9.09 5.25
C CYS D 11 -10.26 7.86 6.10
N LEU D 12 -9.07 7.29 5.94
CA LEU D 12 -8.67 6.14 6.76
C LEU D 12 -8.57 6.50 8.24
N CYS D 13 -8.09 7.70 8.51
CA CYS D 13 -7.78 8.12 9.88
C CYS D 13 -8.95 8.76 10.60
N VAL D 14 -9.30 8.18 11.74
CA VAL D 14 -10.32 8.73 12.62
C VAL D 14 -9.67 9.53 13.73
N LYS D 15 -8.55 9.00 14.23
CA LYS D 15 -7.80 9.68 15.29
C LYS D 15 -6.40 10.00 14.83
N THR D 16 -5.83 11.10 15.30
CA THR D 16 -4.42 11.35 15.04
C THR D 16 -3.66 11.35 16.36
N THR D 17 -2.44 10.80 16.36
CA THR D 17 -1.70 10.74 17.61
C THR D 17 -0.52 11.69 17.51
N SER D 18 -0.16 12.34 18.61
CA SER D 18 0.96 13.28 18.52
C SER D 18 2.15 12.82 19.34
N GLN D 19 2.03 11.62 19.91
CA GLN D 19 3.12 11.03 20.68
C GLN D 19 3.62 9.73 20.06
N VAL D 20 4.76 9.77 19.42
CA VAL D 20 5.34 8.53 18.88
C VAL D 20 6.84 8.57 19.01
N ARG D 21 7.41 7.46 19.45
CA ARG D 21 8.85 7.33 19.42
C ARG D 21 9.21 6.69 18.09
N PRO D 22 9.97 7.43 17.27
CA PRO D 22 10.39 7.04 15.92
C PRO D 22 11.02 5.64 15.89
N ARG D 23 11.53 5.17 17.03
CA ARG D 23 12.17 3.87 17.08
C ARG D 23 11.14 2.74 17.11
N HIS D 24 9.88 3.09 17.32
CA HIS D 24 8.78 2.14 17.19
C HIS D 24 8.25 2.10 15.76
N ILE D 25 8.58 3.10 14.94
CA ILE D 25 7.99 3.17 13.61
C ILE D 25 8.81 2.36 12.60
N THR D 26 8.17 1.38 11.99
CA THR D 26 8.86 0.59 10.97
C THR D 26 8.44 1.08 9.60
N SER D 27 7.24 1.65 9.49
CA SER D 27 6.94 2.32 8.22
C SER D 27 6.03 3.52 8.34
N LEU D 28 6.19 4.44 7.39
CA LEU D 28 5.38 5.66 7.34
C LEU D 28 4.82 5.83 5.97
N GLU D 29 3.50 5.95 5.86
CA GLU D 29 2.85 6.17 4.58
C GLU D 29 2.10 7.50 4.55
N VAL D 30 2.44 8.33 3.58
CA VAL D 30 1.71 9.57 3.38
C VAL D 30 0.69 9.30 2.30
N ILE D 31 -0.58 9.36 2.66
CA ILE D 31 -1.63 9.20 1.66
C ILE D 31 -2.14 10.59 1.30
N LYS D 32 -1.93 10.99 0.05
CA LYS D 32 -2.22 12.35 -0.37
C LYS D 32 -3.71 12.59 -0.37
N ALA D 33 -4.13 13.85 -0.17
CA ALA D 33 -5.56 14.20 -0.22
C ALA D 33 -6.10 13.88 -1.62
N GLY D 34 -7.38 13.52 -1.68
CA GLY D 34 -8.01 13.14 -2.93
C GLY D 34 -9.51 13.06 -2.77
N PRO D 35 -10.20 12.39 -3.72
CA PRO D 35 -11.65 12.19 -3.68
C PRO D 35 -12.06 11.49 -2.38
N HIS D 36 -11.14 10.69 -1.86
CA HIS D 36 -11.38 9.89 -0.67
C HIS D 36 -11.26 10.69 0.62
N CYS D 37 -10.46 11.75 0.60
CA CYS D 37 -10.20 12.51 1.83
C CYS D 37 -9.66 13.88 1.49
N PRO D 38 -10.27 14.94 2.06
CA PRO D 38 -9.83 16.28 1.70
C PRO D 38 -8.47 16.63 2.29
N THR D 39 -7.98 15.83 3.24
CA THR D 39 -6.64 16.08 3.80
C THR D 39 -5.65 14.90 3.64
N ALA D 40 -4.36 15.22 3.59
CA ALA D 40 -3.32 14.21 3.57
C ALA D 40 -3.26 13.50 4.92
N GLN D 41 -3.02 12.19 4.91
CA GLN D 41 -2.99 11.41 6.16
C GLN D 41 -1.63 10.74 6.28
N LEU D 42 -1.11 10.65 7.49
CA LEU D 42 0.18 10.00 7.75
C LEU D 42 -0.02 8.77 8.61
N ILE D 43 0.19 7.60 8.03
CA ILE D 43 -0.03 6.34 8.72
C ILE D 43 1.27 5.68 9.15
N ALA D 44 1.44 5.51 10.45
CA ALA D 44 2.61 4.86 10.99
C ALA D 44 2.28 3.43 11.34
N THR D 45 3.12 2.54 10.85
CA THR D 45 3.09 1.17 11.29
C THR D 45 4.24 0.96 12.25
N LEU D 46 3.92 0.41 13.43
CA LEU D 46 4.88 0.14 14.50
C LEU D 46 5.38 -1.32 14.50
N LYS D 47 6.43 -1.59 15.28
CA LYS D 47 7.03 -2.92 15.31
C LYS D 47 6.05 -4.02 15.69
N ASN D 48 5.17 -3.71 16.64
CA ASN D 48 4.16 -4.66 17.09
C ASN D 48 3.03 -4.87 16.10
N GLY D 49 2.97 -4.03 15.07
CA GLY D 49 1.92 -4.17 14.08
C GLY D 49 0.76 -3.20 14.23
N ARG D 50 0.78 -2.40 15.29
CA ARG D 50 -0.26 -1.41 15.52
C ARG D 50 -0.12 -0.35 14.42
N LYS D 51 -1.23 0.09 13.84
CA LYS D 51 -1.20 1.21 12.89
C LYS D 51 -1.86 2.41 13.55
N ILE D 52 -1.17 3.55 13.50
CA ILE D 52 -1.74 4.78 14.04
C ILE D 52 -1.62 5.90 13.04
N CYS D 53 -2.40 6.95 13.22
CA CYS D 53 -2.21 8.11 12.35
C CYS D 53 -1.50 9.19 13.10
N LEU D 54 -0.55 9.82 12.42
CA LEU D 54 0.24 10.86 13.04
C LEU D 54 -0.40 12.17 12.68
N ASP D 55 -0.21 13.16 13.53
CA ASP D 55 -0.72 14.47 13.27
C ASP D 55 0.22 15.15 12.31
N LEU D 56 -0.17 15.17 11.04
CA LEU D 56 0.68 15.72 10.00
C LEU D 56 0.83 17.23 10.18
N GLN D 57 -0.22 17.91 10.63
CA GLN D 57 -0.14 19.35 10.87
C GLN D 57 0.90 19.69 11.96
N ALA D 58 0.88 18.93 13.05
CA ALA D 58 1.87 19.11 14.12
C ALA D 58 3.26 18.72 13.65
N LEU D 59 3.34 17.69 12.80
CA LEU D 59 4.62 17.23 12.27
C LEU D 59 5.21 18.27 11.34
N LEU D 60 4.36 18.89 10.52
CA LEU D 60 4.84 19.94 9.63
C LEU D 60 5.24 21.16 10.43
N TYR D 61 4.47 21.44 11.48
CA TYR D 61 4.79 22.57 12.34
C TYR D 61 6.18 22.39 12.90
N LYS D 62 6.39 21.24 13.54
CA LYS D 62 7.67 20.91 14.13
C LYS D 62 8.83 20.87 13.17
N LYS D 63 8.61 20.20 12.05
CA LYS D 63 9.70 19.91 11.15
C LYS D 63 10.02 20.99 10.13
N ILE D 64 9.05 21.88 9.87
CA ILE D 64 9.27 23.02 8.99
C ILE D 64 9.22 24.41 9.67
N ILE D 65 8.13 24.67 10.40
CA ILE D 65 7.94 25.98 11.02
C ILE D 65 8.81 26.23 12.25
N LYS D 66 8.72 25.33 13.24
CA LYS D 66 9.47 25.47 14.48
C LYS D 66 10.97 25.43 14.25
N GLU D 67 11.40 24.67 13.27
CA GLU D 67 12.83 24.42 13.14
C GLU D 67 13.50 25.17 11.98
N HIS D 68 12.72 25.86 11.16
CA HIS D 68 13.32 26.57 10.02
C HIS D 68 12.77 27.99 9.85
N LEU D 69 11.69 28.31 10.57
CA LEU D 69 11.08 29.66 10.50
C LEU D 69 10.96 30.35 11.86
N GLU D 70 11.39 29.66 12.91
CA GLU D 70 11.30 30.19 14.27
C GLU D 70 12.67 30.22 14.92
N SER D 71 13.04 31.36 15.48
CA SER D 71 14.29 31.45 16.24
C SER D 71 13.99 31.69 17.71
#